data_5FOL
#
_entry.id   5FOL
#
_cell.length_a   64.957
_cell.length_b   64.957
_cell.length_c   167.292
_cell.angle_alpha   90.00
_cell.angle_beta   90.00
_cell.angle_gamma   90.00
#
_symmetry.space_group_name_H-M   'P 43 21 2'
#
loop_
_entity.id
_entity.type
_entity.pdbx_description
1 polymer 'LEUCYL-TRNA SYNTHETASE'
2 non-polymer 'PHOSPHATE ION'
3 non-polymer "2'-(L-ISOLEUCYL)AMINO-2'-DEOXYADENOSINE"
4 water water
#
_entity_poly.entity_id   1
_entity_poly.type   'polypeptide(L)'
_entity_poly.pdbx_seq_one_letter_code
;GAMGPQEYTLIKLKIHLIPEFLGSIVKGREVFVVCATLRPETMYGQTNCWILPDGEYDLVLAFDQVIPYDAKTSDGVLCK
IFDKYEDTMKECNTVYICSERSAYNMAYQGIVPLIHGREQGVSDKLLPRIVSLGKVYGEQLIGTPLSAPMTPYSLIFILP
MFSISMEKGTGIVTSVPSDSPDDYAALRDIKTKPLLREKYSIKDEWILDPLEIIEVPGFGFMTAELLCNQYKIQSQNDSA
KLKQAKEEIYKKEFYEGILIRGKYSGMKICDAKELIRESLIKDGYALIYLE
;
_entity_poly.pdbx_strand_id   A
#
loop_
_chem_comp.id
_chem_comp.type
_chem_comp.name
_chem_comp.formula
PO4 non-polymer 'PHOSPHATE ION' 'O4 P -3'
SO8 non-polymer 2'-(L-ISOLEUCYL)AMINO-2'-DEOXYADENOSINE 'C16 H25 N7 O4'
#
# COMPACT_ATOMS: atom_id res chain seq x y z
N GLY A 4 14.52 16.51 4.93
CA GLY A 4 13.29 17.05 4.27
C GLY A 4 12.18 16.02 4.12
N PRO A 5 11.13 16.08 4.95
CA PRO A 5 10.08 15.06 4.82
C PRO A 5 9.19 15.15 3.56
N GLN A 6 8.56 14.03 3.23
CA GLN A 6 7.59 13.96 2.16
C GLN A 6 6.24 13.56 2.71
N GLU A 7 5.20 14.03 2.07
CA GLU A 7 3.83 13.76 2.45
C GLU A 7 3.33 12.65 1.53
N TYR A 8 2.78 11.61 2.12
CA TYR A 8 2.17 10.51 1.42
C TYR A 8 0.69 10.44 1.80
N THR A 9 -0.05 9.63 1.05
CA THR A 9 -1.34 9.17 1.49
C THR A 9 -1.19 7.70 1.81
N LEU A 10 -1.59 7.29 3.01
CA LEU A 10 -1.60 5.89 3.37
C LEU A 10 -2.96 5.35 2.96
N ILE A 11 -2.98 4.33 2.15
CA ILE A 11 -4.19 3.70 1.66
C ILE A 11 -4.43 2.44 2.47
N LYS A 12 -5.65 2.29 3.00
CA LYS A 12 -6.02 1.13 3.82
C LYS A 12 -6.73 0.10 2.94
N LEU A 13 -6.12 -1.08 2.77
CA LEU A 13 -6.69 -2.21 2.03
C LEU A 13 -7.14 -3.25 3.02
N LYS A 14 -8.45 -3.42 3.10
CA LYS A 14 -9.02 -4.30 4.14
C LYS A 14 -8.83 -5.77 3.78
N ILE A 15 -8.25 -6.57 4.68
CA ILE A 15 -8.23 -8.06 4.47
C ILE A 15 -9.69 -8.57 4.51
N HIS A 16 -10.14 -9.16 3.39
CA HIS A 16 -11.51 -9.63 3.26
C HIS A 16 -11.74 -11.01 3.93
N LEU A 17 -10.73 -11.87 3.87
CA LEU A 17 -10.73 -13.18 4.57
C LEU A 17 -9.44 -13.32 5.33
N ILE A 18 -9.52 -13.29 6.65
CA ILE A 18 -8.31 -13.32 7.48
C ILE A 18 -7.88 -14.77 7.63
N PRO A 19 -6.65 -15.10 7.20
CA PRO A 19 -6.18 -16.49 7.34
C PRO A 19 -5.91 -16.88 8.82
N GLU A 20 -5.99 -18.17 9.16
CA GLU A 20 -5.92 -18.60 10.57
C GLU A 20 -4.62 -18.21 11.24
N PHE A 21 -3.50 -18.32 10.51
CA PHE A 21 -2.21 -17.94 11.07
C PHE A 21 -2.19 -16.46 11.59
N LEU A 22 -2.95 -15.55 10.96
CA LEU A 22 -3.16 -14.19 11.51
C LEU A 22 -4.26 -14.13 12.57
N GLY A 23 -5.36 -14.84 12.33
CA GLY A 23 -6.56 -14.79 13.19
C GLY A 23 -6.33 -15.17 14.64
N SER A 24 -5.45 -16.13 14.87
CA SER A 24 -5.08 -16.47 16.25
C SER A 24 -4.35 -15.33 16.99
N ILE A 25 -3.64 -14.45 16.27
CA ILE A 25 -2.92 -13.36 16.89
C ILE A 25 -3.81 -12.12 17.04
N VAL A 26 -4.54 -11.77 15.99
CA VAL A 26 -5.32 -10.54 16.03
C VAL A 26 -6.67 -10.71 16.71
N LYS A 27 -7.13 -11.95 16.87
CA LYS A 27 -8.36 -12.28 17.63
C LYS A 27 -9.60 -11.41 17.39
N GLY A 28 -10.18 -11.49 16.21
CA GLY A 28 -11.43 -10.77 15.94
C GLY A 28 -11.30 -9.34 15.40
N ARG A 29 -10.10 -8.76 15.45
CA ARG A 29 -9.90 -7.39 14.99
C ARG A 29 -9.95 -7.28 13.45
N GLU A 30 -10.40 -6.14 12.94
CA GLU A 30 -10.29 -5.78 11.51
C GLU A 30 -8.81 -5.62 11.17
N VAL A 31 -8.38 -6.09 10.03
CA VAL A 31 -6.98 -6.00 9.65
C VAL A 31 -6.87 -5.36 8.29
N PHE A 32 -5.99 -4.36 8.19
CA PHE A 32 -5.70 -3.70 6.96
C PHE A 32 -4.25 -3.82 6.63
N VAL A 33 -3.94 -4.02 5.34
CA VAL A 33 -2.61 -3.80 4.87
C VAL A 33 -2.56 -2.35 4.42
N VAL A 34 -1.55 -1.63 4.87
N VAL A 34 -1.51 -1.66 4.79
CA VAL A 34 -1.51 -0.19 4.59
CA VAL A 34 -1.46 -0.23 4.63
C VAL A 34 -0.33 0.14 3.69
C VAL A 34 -0.32 0.16 3.71
N CYS A 35 -0.62 0.93 2.68
CA CYS A 35 0.35 1.25 1.62
C CYS A 35 0.55 2.74 1.50
N ALA A 36 1.81 3.20 1.29
CA ALA A 36 2.08 4.60 1.12
C ALA A 36 2.11 4.94 -0.37
N THR A 37 1.46 6.00 -0.77
CA THR A 37 1.49 6.41 -2.18
C THR A 37 1.57 7.92 -2.25
N LEU A 38 2.21 8.42 -3.31
CA LEU A 38 2.10 9.79 -3.71
C LEU A 38 0.93 10.06 -4.66
N ARG A 39 0.24 9.01 -5.13
CA ARG A 39 -0.79 9.17 -6.21
C ARG A 39 -2.17 8.61 -5.84
N PRO A 40 -2.83 9.26 -4.87
CA PRO A 40 -4.16 8.84 -4.47
C PRO A 40 -5.19 8.85 -5.62
N GLU A 41 -4.97 9.72 -6.60
CA GLU A 41 -5.88 9.83 -7.75
C GLU A 41 -5.91 8.59 -8.66
N THR A 42 -4.96 7.67 -8.50
CA THR A 42 -4.88 6.46 -9.32
C THR A 42 -5.57 5.24 -8.71
N MET A 43 -6.30 5.40 -7.60
CA MET A 43 -6.87 4.27 -6.87
C MET A 43 -7.90 3.55 -7.72
N TYR A 44 -8.50 4.28 -8.67
CA TYR A 44 -9.38 3.65 -9.66
C TYR A 44 -8.77 2.51 -10.43
N GLY A 45 -7.45 2.47 -10.57
CA GLY A 45 -6.79 1.49 -11.38
C GLY A 45 -6.08 0.36 -10.65
N GLN A 46 -6.30 0.22 -9.35
CA GLN A 46 -5.68 -0.89 -8.61
C GLN A 46 -6.12 -2.27 -9.10
N THR A 47 -5.12 -3.09 -9.36
CA THR A 47 -5.30 -4.45 -9.84
C THR A 47 -4.87 -5.52 -8.85
N ASN A 48 -3.98 -5.14 -7.96
CA ASN A 48 -3.41 -6.05 -6.96
C ASN A 48 -2.67 -5.20 -5.91
N CYS A 49 -2.08 -5.86 -4.92
CA CYS A 49 -1.22 -5.22 -3.92
C CYS A 49 0.16 -5.91 -4.02
N TRP A 50 1.23 -5.20 -3.70
CA TRP A 50 2.60 -5.72 -3.71
C TRP A 50 3.18 -5.79 -2.30
N ILE A 51 3.94 -6.86 -2.04
CA ILE A 51 4.69 -7.01 -0.84
C ILE A 51 6.10 -7.58 -1.19
N LEU A 52 7.07 -7.32 -0.34
CA LEU A 52 8.40 -7.92 -0.46
C LEU A 52 8.36 -9.28 0.23
N PRO A 53 8.48 -10.41 -0.53
CA PRO A 53 8.38 -11.76 0.05
C PRO A 53 9.23 -12.01 1.32
N ASP A 54 10.46 -11.50 1.35
CA ASP A 54 11.34 -11.62 2.51
C ASP A 54 11.25 -10.43 3.49
N GLY A 55 10.38 -9.47 3.21
CA GLY A 55 10.15 -8.37 4.15
C GLY A 55 9.49 -8.91 5.38
N GLU A 56 9.87 -8.39 6.54
CA GLU A 56 9.31 -8.83 7.78
C GLU A 56 8.50 -7.63 8.34
N TYR A 57 7.19 -7.83 8.49
CA TYR A 57 6.24 -6.78 8.77
C TYR A 57 5.66 -6.97 10.16
N ASP A 58 5.17 -5.89 10.77
CA ASP A 58 4.50 -5.99 12.07
C ASP A 58 3.01 -6.01 11.93
N LEU A 59 2.37 -6.65 12.90
CA LEU A 59 0.93 -6.55 13.12
C LEU A 59 0.64 -5.49 14.19
N VAL A 60 0.37 -4.25 13.76
CA VAL A 60 0.36 -3.08 14.68
C VAL A 60 -1.03 -2.75 15.11
N LEU A 61 -1.26 -2.66 16.41
CA LEU A 61 -2.57 -2.25 16.89
C LEU A 61 -2.79 -0.78 16.46
N ALA A 62 -3.97 -0.44 15.93
CA ALA A 62 -4.24 0.87 15.36
C ALA A 62 -5.52 1.44 15.93
N PHE A 63 -5.65 2.77 15.86
CA PHE A 63 -6.91 3.42 16.27
C PHE A 63 -8.00 3.13 15.25
N ASP A 64 -9.22 2.94 15.75
CA ASP A 64 -10.40 2.69 14.93
C ASP A 64 -10.76 4.00 14.27
N GLN A 65 -11.47 3.92 13.16
CA GLN A 65 -11.74 5.08 12.30
C GLN A 65 -12.12 6.38 13.04
N LYS A 80 -1.66 11.67 23.70
CA LYS A 80 -1.88 10.73 24.82
C LYS A 80 -1.36 9.27 24.65
N ILE A 81 -0.61 8.82 25.66
CA ILE A 81 0.15 7.60 25.62
C ILE A 81 -0.49 6.75 26.69
N PHE A 82 -0.85 5.52 26.36
CA PHE A 82 -1.57 4.65 27.29
C PHE A 82 -0.63 4.04 28.33
N ASP A 83 -1.12 3.85 29.55
CA ASP A 83 -0.30 3.27 30.62
C ASP A 83 -0.34 1.78 30.61
N LYS A 84 -1.46 1.22 30.14
CA LYS A 84 -1.63 -0.20 30.15
C LYS A 84 -1.87 -0.77 28.76
N TYR A 85 -1.13 -1.84 28.47
CA TYR A 85 -1.33 -2.72 27.30
C TYR A 85 -2.75 -3.22 27.22
N GLU A 86 -3.28 -3.66 28.34
CA GLU A 86 -4.66 -4.20 28.39
C GLU A 86 -5.72 -3.19 27.94
N ASP A 87 -5.59 -1.93 28.35
CA ASP A 87 -6.56 -0.92 27.97
C ASP A 87 -6.46 -0.63 26.51
N THR A 88 -5.25 -0.61 25.97
CA THR A 88 -5.08 -0.33 24.58
C THR A 88 -5.67 -1.47 23.75
N MET A 89 -5.43 -2.71 24.20
CA MET A 89 -5.98 -3.88 23.55
C MET A 89 -7.51 -3.90 23.55
N LYS A 90 -8.15 -3.41 24.62
N LYS A 90 -8.15 -3.41 24.62
CA LYS A 90 -9.62 -3.37 24.67
CA LYS A 90 -9.63 -3.36 24.70
C LYS A 90 -10.18 -2.23 23.82
C LYS A 90 -10.18 -2.24 23.81
N GLU A 91 -9.45 -1.14 23.69
CA GLU A 91 -9.95 0.05 22.97
C GLU A 91 -9.73 0.07 21.47
N CYS A 92 -8.83 -0.78 20.99
CA CYS A 92 -8.45 -0.77 19.60
C CYS A 92 -8.88 -2.09 18.98
N ASN A 93 -9.71 -2.02 17.94
CA ASN A 93 -10.26 -3.19 17.28
C ASN A 93 -9.69 -3.34 15.86
N THR A 94 -8.56 -2.71 15.60
CA THR A 94 -8.01 -2.61 14.26
C THR A 94 -6.52 -2.92 14.33
N VAL A 95 -6.04 -3.62 13.32
CA VAL A 95 -4.62 -3.90 13.13
C VAL A 95 -4.19 -3.42 11.75
N TYR A 96 -3.02 -2.81 11.68
CA TYR A 96 -2.35 -2.45 10.44
C TYR A 96 -1.11 -3.31 10.23
N ILE A 97 -1.02 -3.93 9.07
CA ILE A 97 0.21 -4.59 8.67
C ILE A 97 1.09 -3.60 7.97
N CYS A 98 2.30 -3.41 8.49
CA CYS A 98 3.24 -2.43 8.01
C CYS A 98 4.59 -2.68 8.61
N SER A 99 5.60 -2.04 8.05
CA SER A 99 6.95 -2.09 8.61
C SER A 99 6.99 -1.42 10.00
N GLU A 100 7.85 -1.90 10.90
CA GLU A 100 7.88 -1.32 12.24
C GLU A 100 8.26 0.13 12.20
N ARG A 101 9.17 0.41 11.28
CA ARG A 101 9.67 1.75 11.02
C ARG A 101 8.51 2.74 10.74
N SER A 102 7.64 2.36 9.83
CA SER A 102 6.51 3.22 9.47
C SER A 102 5.51 3.32 10.67
N ALA A 103 5.33 2.22 11.38
CA ALA A 103 4.47 2.18 12.59
C ALA A 103 4.85 3.24 13.64
N TYR A 104 6.15 3.42 13.88
CA TYR A 104 6.63 4.48 14.77
C TYR A 104 6.30 5.83 14.23
N ASN A 105 6.51 6.05 12.92
CA ASN A 105 6.11 7.33 12.34
C ASN A 105 4.62 7.56 12.47
N MET A 106 3.81 6.55 12.19
CA MET A 106 2.36 6.61 12.47
C MET A 106 2.05 6.97 13.91
N ALA A 107 2.74 6.35 14.86
CA ALA A 107 2.52 6.64 16.29
C ALA A 107 2.82 8.08 16.69
N TYR A 108 3.93 8.62 16.18
CA TYR A 108 4.24 10.04 16.41
C TYR A 108 3.18 10.98 15.88
N GLN A 109 2.52 10.56 14.80
CA GLN A 109 1.50 11.32 14.07
C GLN A 109 0.09 11.02 14.52
N GLY A 110 -0.05 10.25 15.59
CA GLY A 110 -1.37 9.91 16.14
C GLY A 110 -2.21 8.87 15.45
N ILE A 111 -1.64 8.08 14.54
CA ILE A 111 -2.39 7.11 13.76
C ILE A 111 -2.56 5.75 14.47
N VAL A 112 -1.59 5.38 15.26
CA VAL A 112 -1.65 4.15 16.08
C VAL A 112 -1.29 4.55 17.52
N PRO A 113 -1.78 3.81 18.55
CA PRO A 113 -1.48 4.11 19.94
C PRO A 113 -0.05 3.82 20.33
N LEU A 114 0.45 4.56 21.31
CA LEU A 114 1.64 4.21 22.04
C LEU A 114 1.28 3.79 23.46
N ILE A 115 2.12 2.93 24.03
CA ILE A 115 2.00 2.61 25.46
C ILE A 115 3.28 2.90 26.18
N HIS A 116 3.20 3.08 27.51
CA HIS A 116 4.40 3.16 28.34
C HIS A 116 4.88 1.75 28.56
N GLY A 117 5.89 1.39 27.80
CA GLY A 117 6.43 0.04 27.77
C GLY A 117 7.03 -0.44 29.07
N ARG A 118 6.92 -1.76 29.27
CA ARG A 118 7.48 -2.44 30.44
C ARG A 118 8.62 -3.38 30.07
N GLU A 119 9.12 -3.32 28.85
CA GLU A 119 10.01 -4.36 28.31
C GLU A 119 11.47 -4.17 28.71
N GLN A 120 11.83 -3.03 29.29
CA GLN A 120 13.20 -2.78 29.76
C GLN A 120 13.19 -1.72 30.84
N GLY A 121 14.29 -1.62 31.57
CA GLY A 121 14.44 -0.65 32.65
C GLY A 121 13.39 -0.79 33.73
N VAL A 122 13.17 0.31 34.45
CA VAL A 122 12.22 0.33 35.56
C VAL A 122 11.30 1.53 35.45
N SER A 123 10.38 1.65 36.41
CA SER A 123 9.29 2.61 36.36
C SER A 123 9.70 4.10 36.39
N ASP A 124 10.98 4.39 36.64
CA ASP A 124 11.46 5.78 36.77
C ASP A 124 11.57 6.53 35.42
N LYS A 125 11.48 5.78 34.33
CA LYS A 125 11.42 6.38 32.99
C LYS A 125 10.22 5.84 32.20
N LEU A 126 9.62 6.70 31.40
CA LEU A 126 8.52 6.35 30.53
C LEU A 126 9.10 6.14 29.13
N LEU A 127 8.86 4.96 28.56
CA LEU A 127 9.44 4.60 27.23
C LEU A 127 8.26 4.27 26.31
N PRO A 128 7.90 5.20 25.41
CA PRO A 128 6.73 4.98 24.60
C PRO A 128 7.03 3.92 23.55
N ARG A 129 6.13 2.99 23.38
CA ARG A 129 6.31 1.91 22.37
C ARG A 129 5.02 1.64 21.64
N ILE A 130 5.11 1.25 20.38
CA ILE A 130 3.91 0.76 19.69
C ILE A 130 3.51 -0.56 20.29
N VAL A 131 2.30 -0.97 19.99
CA VAL A 131 1.81 -2.29 20.36
C VAL A 131 1.81 -3.16 19.11
N SER A 132 2.83 -4.02 18.99
CA SER A 132 2.90 -4.96 17.86
C SER A 132 2.50 -6.31 18.38
N LEU A 133 1.46 -6.89 17.82
CA LEU A 133 1.03 -8.22 18.23
C LEU A 133 1.94 -9.36 17.71
N GLY A 134 2.77 -9.09 16.73
CA GLY A 134 3.51 -10.17 16.08
C GLY A 134 4.08 -9.73 14.77
N LYS A 135 4.78 -10.66 14.13
CA LYS A 135 5.48 -10.41 12.88
C LYS A 135 4.87 -11.28 11.80
N VAL A 136 4.94 -10.83 10.56
N VAL A 136 4.96 -10.83 10.56
CA VAL A 136 4.55 -11.65 9.39
CA VAL A 136 4.60 -11.66 9.40
C VAL A 136 5.52 -11.38 8.25
C VAL A 136 5.53 -11.38 8.25
N TYR A 137 5.88 -12.42 7.51
CA TYR A 137 6.72 -12.29 6.33
C TYR A 137 5.83 -12.00 5.12
N GLY A 138 6.33 -11.19 4.20
CA GLY A 138 5.52 -10.83 3.02
C GLY A 138 5.02 -12.03 2.27
N GLU A 139 5.93 -13.01 2.12
CA GLU A 139 5.61 -14.31 1.49
C GLU A 139 4.37 -14.99 2.02
N GLN A 140 4.14 -14.93 3.34
CA GLN A 140 2.96 -15.58 3.94
C GLN A 140 1.65 -14.89 3.54
N LEU A 141 1.74 -13.66 3.07
CA LEU A 141 0.53 -12.91 2.73
C LEU A 141 0.20 -13.05 1.24
N ILE A 142 1.11 -13.57 0.40
CA ILE A 142 0.84 -13.70 -1.06
C ILE A 142 -0.52 -14.43 -1.22
N GLY A 143 -1.45 -13.85 -1.99
CA GLY A 143 -2.74 -14.46 -2.23
C GLY A 143 -3.88 -13.99 -1.37
N THR A 144 -3.58 -13.18 -0.36
CA THR A 144 -4.63 -12.64 0.49
C THR A 144 -5.53 -11.68 -0.29
N PRO A 145 -6.86 -11.85 -0.17
CA PRO A 145 -7.84 -11.00 -0.84
C PRO A 145 -8.12 -9.77 -0.03
N LEU A 146 -8.15 -8.63 -0.73
CA LEU A 146 -8.30 -7.31 -0.12
C LEU A 146 -9.44 -6.54 -0.75
N SER A 147 -10.20 -5.82 0.08
N SER A 147 -10.16 -5.79 0.07
CA SER A 147 -11.10 -4.79 -0.39
CA SER A 147 -11.10 -4.82 -0.41
C SER A 147 -10.32 -3.46 -0.46
C SER A 147 -10.39 -3.45 -0.46
N ALA A 148 -10.23 -2.90 -1.66
CA ALA A 148 -9.50 -1.65 -1.88
C ALA A 148 -10.48 -0.56 -2.32
N PRO A 149 -10.15 0.71 -2.01
CA PRO A 149 -11.02 1.83 -2.41
C PRO A 149 -10.99 2.10 -3.88
N MET A 150 -12.11 2.55 -4.43
CA MET A 150 -12.25 3.09 -5.77
C MET A 150 -12.09 2.19 -6.98
N THR A 151 -11.29 1.12 -6.89
CA THR A 151 -11.09 0.24 -8.02
C THR A 151 -12.43 -0.48 -8.32
N PRO A 152 -12.72 -0.79 -9.60
CA PRO A 152 -13.96 -1.54 -9.88
C PRO A 152 -13.89 -3.01 -9.42
N TYR A 153 -12.69 -3.56 -9.23
CA TYR A 153 -12.59 -4.91 -8.70
C TYR A 153 -13.09 -4.97 -7.26
N SER A 154 -13.91 -5.98 -7.01
CA SER A 154 -14.44 -6.25 -5.69
C SER A 154 -13.35 -6.71 -4.71
N LEU A 155 -12.47 -7.59 -5.19
CA LEU A 155 -11.27 -8.03 -4.47
C LEU A 155 -10.04 -7.93 -5.34
N ILE A 156 -8.94 -7.55 -4.73
CA ILE A 156 -7.63 -7.64 -5.35
C ILE A 156 -6.72 -8.43 -4.43
N PHE A 157 -5.57 -8.84 -4.92
CA PHE A 157 -4.75 -9.85 -4.21
C PHE A 157 -3.32 -9.44 -4.02
N ILE A 158 -2.73 -9.88 -2.89
CA ILE A 158 -1.35 -9.57 -2.60
C ILE A 158 -0.42 -10.44 -3.50
N LEU A 159 0.54 -9.81 -4.17
CA LEU A 159 1.53 -10.47 -5.02
C LEU A 159 2.91 -9.96 -4.68
N PRO A 160 3.96 -10.70 -5.07
CA PRO A 160 5.31 -10.30 -4.76
C PRO A 160 5.87 -9.27 -5.72
N MET A 161 6.55 -8.28 -5.16
N MET A 161 6.58 -8.29 -5.17
CA MET A 161 7.38 -7.39 -5.93
CA MET A 161 7.39 -7.37 -5.95
C MET A 161 8.74 -7.32 -5.24
C MET A 161 8.74 -7.22 -5.27
N PHE A 162 9.80 -7.46 -6.03
CA PHE A 162 11.17 -7.63 -5.48
C PHE A 162 11.95 -6.35 -5.35
N SER A 163 11.56 -5.32 -6.09
CA SER A 163 12.19 -4.02 -6.00
C SER A 163 11.77 -3.19 -4.77
N ILE A 164 10.79 -3.64 -4.00
CA ILE A 164 10.31 -2.85 -2.83
C ILE A 164 11.44 -2.57 -1.84
N SER A 165 11.54 -1.33 -1.35
CA SER A 165 12.44 -0.99 -0.26
C SER A 165 11.72 -1.05 1.11
N MET A 166 12.24 -1.85 2.03
CA MET A 166 11.75 -1.85 3.41
C MET A 166 12.04 -0.58 4.16
N GLU A 167 12.90 0.28 3.63
CA GLU A 167 13.20 1.54 4.25
C GLU A 167 12.29 2.67 3.83
N LYS A 168 11.30 2.42 2.95
CA LYS A 168 10.45 3.47 2.41
C LYS A 168 9.00 3.14 2.69
N GLY A 169 8.21 4.18 2.99
CA GLY A 169 6.79 3.99 3.24
C GLY A 169 6.56 2.89 4.22
N THR A 170 5.59 2.02 3.94
CA THR A 170 5.27 0.95 4.87
C THR A 170 5.93 -0.34 4.48
N GLY A 171 6.65 -0.31 3.34
CA GLY A 171 7.08 -1.54 2.65
C GLY A 171 6.02 -2.34 1.95
N ILE A 172 4.79 -1.78 1.84
CA ILE A 172 3.68 -2.44 1.12
C ILE A 172 3.15 -1.42 0.14
N VAL A 173 2.84 -1.84 -1.09
CA VAL A 173 2.62 -0.88 -2.18
C VAL A 173 1.42 -1.36 -2.98
N THR A 174 0.44 -0.50 -3.23
CA THR A 174 -0.65 -0.93 -4.09
C THR A 174 -0.25 -0.80 -5.56
N SER A 175 -0.93 -1.55 -6.42
CA SER A 175 -0.48 -1.71 -7.82
C SER A 175 -1.46 -1.10 -8.80
N VAL A 176 -0.98 -0.16 -9.60
CA VAL A 176 -1.77 0.49 -10.66
C VAL A 176 -0.88 0.42 -11.96
N PRO A 177 -0.88 -0.76 -12.59
CA PRO A 177 0.01 -1.02 -13.73
C PRO A 177 -0.27 -0.24 -15.00
N SER A 178 -1.44 0.36 -15.11
CA SER A 178 -1.73 1.28 -16.21
C SER A 178 -0.88 2.55 -16.15
N ASP A 179 -0.49 2.99 -14.93
CA ASP A 179 0.12 4.29 -14.78
C ASP A 179 1.32 4.37 -13.85
N SER A 180 1.85 3.21 -13.49
CA SER A 180 3.12 3.05 -12.81
C SER A 180 4.01 2.10 -13.60
N PRO A 181 5.13 2.60 -14.10
CA PRO A 181 6.08 1.74 -14.84
C PRO A 181 6.57 0.58 -14.00
N ASP A 182 6.89 0.84 -12.73
CA ASP A 182 7.24 -0.23 -11.81
C ASP A 182 6.17 -1.32 -11.68
N ASP A 183 4.91 -0.90 -11.51
CA ASP A 183 3.83 -1.90 -11.37
C ASP A 183 3.62 -2.73 -12.66
N TYR A 184 3.76 -2.06 -13.81
CA TYR A 184 3.61 -2.71 -15.11
C TYR A 184 4.72 -3.73 -15.28
N ALA A 185 5.96 -3.34 -15.00
CA ALA A 185 7.10 -4.27 -15.14
C ALA A 185 6.96 -5.46 -14.21
N ALA A 186 6.66 -5.20 -12.93
CA ALA A 186 6.56 -6.30 -11.97
C ALA A 186 5.42 -7.27 -12.21
N LEU A 187 4.31 -6.78 -12.74
CA LEU A 187 3.19 -7.65 -13.04
C LEU A 187 3.46 -8.47 -14.30
N ARG A 188 4.08 -7.81 -15.26
CA ARG A 188 4.51 -8.51 -16.50
C ARG A 188 5.53 -9.61 -16.18
N ASP A 189 6.45 -9.35 -15.24
CA ASP A 189 7.37 -10.40 -14.75
C ASP A 189 6.61 -11.62 -14.22
N ILE A 190 5.52 -11.40 -13.47
CA ILE A 190 4.65 -12.50 -12.99
C ILE A 190 3.95 -13.20 -14.16
N LYS A 191 3.42 -12.41 -15.09
CA LYS A 191 2.63 -12.97 -16.20
C LYS A 191 3.45 -13.84 -17.17
N THR A 192 4.74 -13.54 -17.30
CA THR A 192 5.59 -14.15 -18.31
C THR A 192 6.55 -15.19 -17.74
N LYS A 193 6.69 -15.30 -16.41
CA LYS A 193 7.60 -16.28 -15.78
C LYS A 193 6.80 -17.32 -14.99
N PRO A 194 6.51 -18.49 -15.60
CA PRO A 194 5.82 -19.51 -14.81
C PRO A 194 6.69 -20.09 -13.71
N LEU A 195 8.00 -19.92 -13.77
CA LEU A 195 8.90 -20.29 -12.65
C LEU A 195 8.80 -19.35 -11.42
N LEU A 196 8.33 -18.12 -11.67
CA LEU A 196 8.04 -17.18 -10.61
C LEU A 196 6.72 -17.53 -9.96
N ARG A 197 5.71 -17.78 -10.77
CA ARG A 197 4.37 -18.15 -10.31
C ARG A 197 4.36 -19.47 -9.57
N GLU A 198 5.18 -20.40 -10.02
CA GLU A 198 5.29 -21.69 -9.35
C GLU A 198 5.94 -21.53 -7.98
N LYS A 199 7.07 -20.84 -7.91
CA LYS A 199 7.76 -20.65 -6.63
C LYS A 199 6.88 -20.12 -5.49
N TYR A 200 5.98 -19.18 -5.79
CA TYR A 200 5.09 -18.60 -4.76
C TYR A 200 3.66 -19.05 -4.88
N SER A 201 3.39 -20.09 -5.66
CA SER A 201 2.03 -20.63 -5.84
C SER A 201 0.97 -19.60 -6.21
N ILE A 202 1.37 -18.69 -7.10
CA ILE A 202 0.45 -17.65 -7.59
C ILE A 202 -0.61 -18.27 -8.50
N LYS A 203 -1.85 -18.28 -8.04
CA LYS A 203 -3.00 -18.69 -8.83
C LYS A 203 -3.30 -17.70 -9.97
N ASP A 204 -3.89 -18.21 -11.07
CA ASP A 204 -4.25 -17.31 -12.19
C ASP A 204 -5.26 -16.24 -11.80
N GLU A 205 -6.26 -16.62 -11.01
CA GLU A 205 -7.35 -15.71 -10.64
C GLU A 205 -6.93 -14.53 -9.71
N TRP A 206 -5.65 -14.51 -9.29
CA TRP A 206 -5.06 -13.37 -8.53
C TRP A 206 -4.42 -12.31 -9.44
N ILE A 207 -4.34 -12.62 -10.73
CA ILE A 207 -3.66 -11.77 -11.69
C ILE A 207 -4.74 -11.09 -12.49
N LEU A 208 -5.02 -9.82 -12.15
CA LEU A 208 -6.15 -9.05 -12.72
C LEU A 208 -5.67 -8.10 -13.80
N ASP A 209 -6.54 -7.83 -14.79
CA ASP A 209 -6.21 -7.02 -15.94
C ASP A 209 -6.06 -5.56 -15.57
N PRO A 210 -5.07 -4.87 -16.17
CA PRO A 210 -4.97 -3.39 -16.03
C PRO A 210 -6.20 -2.65 -16.54
N LEU A 211 -6.46 -1.52 -15.90
CA LEU A 211 -7.65 -0.74 -16.15
C LEU A 211 -7.23 0.61 -16.72
N GLU A 212 -7.96 1.07 -17.73
CA GLU A 212 -7.80 2.41 -18.28
C GLU A 212 -8.41 3.41 -17.31
N ILE A 213 -7.58 4.32 -16.81
CA ILE A 213 -8.03 5.35 -15.88
C ILE A 213 -7.63 6.80 -16.18
N ILE A 214 -6.56 7.00 -16.96
CA ILE A 214 -6.04 8.34 -17.20
C ILE A 214 -5.64 8.45 -18.65
N GLU A 215 -6.04 9.56 -19.27
CA GLU A 215 -5.62 9.90 -20.63
C GLU A 215 -4.44 10.87 -20.50
N VAL A 216 -3.38 10.60 -21.22
CA VAL A 216 -2.29 11.53 -21.40
C VAL A 216 -2.32 11.94 -22.89
N PRO A 217 -2.79 13.17 -23.19
CA PRO A 217 -3.17 13.48 -24.59
C PRO A 217 -2.26 13.15 -25.77
N GLY A 218 -0.96 12.94 -25.57
CA GLY A 218 -0.11 12.42 -26.67
C GLY A 218 0.24 10.94 -26.61
N PHE A 219 -0.26 10.25 -25.60
CA PHE A 219 0.17 8.89 -25.28
C PHE A 219 -0.98 7.87 -25.21
N GLY A 220 -2.19 8.29 -24.88
CA GLY A 220 -3.32 7.38 -24.77
C GLY A 220 -3.70 7.12 -23.32
N PHE A 221 -4.16 5.89 -23.08
CA PHE A 221 -4.86 5.50 -21.83
C PHE A 221 -4.13 4.38 -21.09
N MET A 222 -2.96 3.98 -21.56
CA MET A 222 -2.20 2.88 -20.97
C MET A 222 -0.72 3.31 -20.97
N THR A 223 -0.48 4.46 -20.33
CA THR A 223 0.79 5.17 -20.48
C THR A 223 2.01 4.47 -19.88
N ALA A 224 1.84 3.73 -18.77
CA ALA A 224 3.00 3.04 -18.19
C ALA A 224 3.61 1.98 -19.14
N GLU A 225 2.76 1.22 -19.80
CA GLU A 225 3.22 0.25 -20.80
C GLU A 225 3.94 0.94 -21.94
N LEU A 226 3.34 2.00 -22.45
CA LEU A 226 3.97 2.77 -23.52
C LEU A 226 5.35 3.31 -23.12
N LEU A 227 5.53 3.77 -21.87
CA LEU A 227 6.83 4.26 -21.42
C LEU A 227 7.84 3.16 -21.15
N CYS A 228 7.40 2.03 -20.62
CA CYS A 228 8.33 0.91 -20.45
C CYS A 228 8.96 0.50 -21.78
N ASN A 229 8.14 0.52 -22.84
CA ASN A 229 8.63 0.26 -24.20
C ASN A 229 9.58 1.37 -24.62
N GLN A 230 9.16 2.63 -24.50
CA GLN A 230 10.00 3.79 -24.86
C GLN A 230 11.39 3.75 -24.20
N TYR A 231 11.45 3.38 -22.92
CA TYR A 231 12.72 3.20 -22.20
C TYR A 231 13.33 1.78 -22.35
N LYS A 232 12.72 0.91 -23.16
CA LYS A 232 13.15 -0.49 -23.28
C LYS A 232 13.47 -1.15 -21.92
N ILE A 233 12.49 -1.13 -21.02
CA ILE A 233 12.58 -1.76 -19.71
C ILE A 233 12.10 -3.19 -19.89
N GLN A 234 12.90 -4.18 -19.47
CA GLN A 234 12.55 -5.60 -19.65
C GLN A 234 12.21 -6.33 -18.38
N SER A 235 12.63 -5.79 -17.24
CA SER A 235 12.22 -6.37 -15.97
C SER A 235 12.06 -5.31 -14.85
N GLN A 236 11.43 -5.74 -13.79
CA GLN A 236 11.21 -4.84 -12.66
C GLN A 236 12.52 -4.42 -11.97
N ASN A 237 13.67 -5.00 -12.38
CA ASN A 237 14.99 -4.63 -11.84
C ASN A 237 15.74 -3.54 -12.57
N ASP A 238 15.24 -3.03 -13.68
CA ASP A 238 15.98 -2.02 -14.46
C ASP A 238 15.85 -0.66 -13.81
N SER A 239 16.57 -0.51 -12.70
CA SER A 239 16.33 0.57 -11.77
C SER A 239 16.55 1.94 -12.37
N ALA A 240 17.67 2.11 -13.09
CA ALA A 240 18.00 3.43 -13.66
C ALA A 240 16.94 3.83 -14.70
N LYS A 241 16.56 2.89 -15.54
CA LYS A 241 15.57 3.16 -16.58
C LYS A 241 14.16 3.46 -15.99
N LEU A 242 13.74 2.58 -15.08
CA LEU A 242 12.48 2.75 -14.30
C LEU A 242 12.43 4.08 -13.54
N LYS A 243 13.59 4.55 -13.07
CA LYS A 243 13.65 5.83 -12.39
C LYS A 243 13.31 6.97 -13.33
N GLN A 244 13.81 6.93 -14.57
CA GLN A 244 13.52 7.98 -15.55
C GLN A 244 12.05 7.93 -15.99
N ALA A 245 11.57 6.72 -16.27
CA ALA A 245 10.19 6.47 -16.64
C ALA A 245 9.23 6.97 -15.56
N LYS A 246 9.54 6.64 -14.31
CA LYS A 246 8.73 7.01 -13.11
C LYS A 246 8.60 8.50 -13.01
N GLU A 247 9.75 9.17 -13.15
CA GLU A 247 9.79 10.62 -13.06
C GLU A 247 9.06 11.30 -14.22
N GLU A 248 9.19 10.76 -15.42
CA GLU A 248 8.50 11.34 -16.58
C GLU A 248 6.97 11.20 -16.42
N ILE A 249 6.52 10.00 -16.07
CA ILE A 249 5.05 9.76 -16.00
C ILE A 249 4.45 10.57 -14.84
N TYR A 250 5.18 10.68 -13.72
CA TYR A 250 4.68 11.47 -12.60
C TYR A 250 4.41 12.93 -13.03
N LYS A 251 5.41 13.57 -13.67
CA LYS A 251 5.26 14.99 -13.99
C LYS A 251 4.22 15.15 -15.09
N LYS A 252 4.35 14.35 -16.12
CA LYS A 252 3.46 14.42 -17.32
C LYS A 252 1.98 14.25 -16.93
N GLU A 253 1.71 13.24 -16.09
CA GLU A 253 0.32 12.98 -15.65
C GLU A 253 -0.21 14.01 -14.71
N PHE A 254 0.62 14.53 -13.80
CA PHE A 254 0.12 15.58 -12.91
C PHE A 254 -0.39 16.79 -13.74
N TYR A 255 0.42 17.24 -14.69
CA TYR A 255 0.13 18.51 -15.42
C TYR A 255 -0.80 18.32 -16.63
N GLU A 256 -0.70 17.17 -17.29
CA GLU A 256 -1.47 16.91 -18.53
C GLU A 256 -2.51 15.76 -18.46
N GLY A 257 -2.45 14.90 -17.46
CA GLY A 257 -3.34 13.69 -17.43
C GLY A 257 -4.77 14.03 -17.12
N ILE A 258 -5.71 13.37 -17.80
CA ILE A 258 -7.13 13.63 -17.57
C ILE A 258 -7.71 12.33 -17.03
N LEU A 259 -8.45 12.43 -15.94
CA LEU A 259 -9.07 11.28 -15.32
C LEU A 259 -10.25 10.89 -16.19
N ILE A 260 -10.39 9.59 -16.41
CA ILE A 260 -11.63 9.10 -17.06
C ILE A 260 -12.59 8.31 -16.15
N ARG A 261 -12.30 8.32 -14.85
CA ARG A 261 -13.08 7.60 -13.82
C ARG A 261 -13.38 8.48 -12.67
N GLY A 262 -14.48 8.21 -11.98
CA GLY A 262 -14.75 8.77 -10.69
C GLY A 262 -15.54 10.01 -10.77
N LYS A 263 -15.73 10.61 -9.60
CA LYS A 263 -16.46 11.84 -9.42
C LYS A 263 -15.89 12.93 -10.29
N TYR A 264 -14.57 12.92 -10.50
CA TYR A 264 -13.92 14.00 -11.23
C TYR A 264 -13.50 13.62 -12.63
N SER A 265 -14.17 12.60 -13.20
CA SER A 265 -13.94 12.22 -14.56
C SER A 265 -14.04 13.46 -15.46
N GLY A 266 -13.12 13.54 -16.39
CA GLY A 266 -13.03 14.67 -17.31
C GLY A 266 -12.09 15.78 -16.88
N MET A 267 -11.71 15.82 -15.59
CA MET A 267 -10.87 16.87 -15.03
C MET A 267 -9.43 16.47 -15.11
N LYS A 268 -8.56 17.47 -15.17
CA LYS A 268 -7.14 17.23 -15.09
C LYS A 268 -6.77 16.72 -13.67
N ILE A 269 -5.78 15.85 -13.61
CA ILE A 269 -5.28 15.41 -12.33
C ILE A 269 -4.94 16.62 -11.43
N CYS A 270 -4.24 17.65 -11.97
CA CYS A 270 -3.81 18.76 -11.11
C CYS A 270 -4.96 19.45 -10.39
N ASP A 271 -6.14 19.45 -10.99
CA ASP A 271 -7.32 20.04 -10.41
C ASP A 271 -8.12 19.08 -9.52
N ALA A 272 -7.96 17.77 -9.68
CA ALA A 272 -8.79 16.77 -8.98
C ALA A 272 -8.10 16.04 -7.82
N LYS A 273 -6.80 15.93 -7.92
CA LYS A 273 -6.02 15.11 -7.01
C LYS A 273 -6.28 15.36 -5.54
N GLU A 274 -6.27 16.62 -5.10
N GLU A 274 -6.26 16.64 -5.16
CA GLU A 274 -6.49 16.90 -3.67
CA GLU A 274 -6.50 17.06 -3.79
C GLU A 274 -7.94 16.68 -3.25
C GLU A 274 -7.90 16.69 -3.30
N LEU A 275 -8.90 16.90 -4.16
CA LEU A 275 -10.29 16.56 -3.84
C LEU A 275 -10.45 15.03 -3.70
N ILE A 276 -9.80 14.27 -4.56
CA ILE A 276 -9.89 12.78 -4.45
C ILE A 276 -9.31 12.34 -3.11
N ARG A 277 -8.16 12.89 -2.80
CA ARG A 277 -7.46 12.55 -1.57
C ARG A 277 -8.27 12.88 -0.34
N GLU A 278 -8.86 14.08 -0.32
CA GLU A 278 -9.75 14.51 0.79
C GLU A 278 -10.94 13.56 0.97
N SER A 279 -11.52 13.15 -0.13
CA SER A 279 -12.57 12.14 -0.10
C SER A 279 -12.17 10.79 0.47
N LEU A 280 -11.02 10.28 0.01
CA LEU A 280 -10.51 9.02 0.59
C LEU A 280 -10.34 9.15 2.12
N ILE A 281 -9.78 10.27 2.54
CA ILE A 281 -9.58 10.53 3.96
C ILE A 281 -10.93 10.60 4.69
N LYS A 282 -11.88 11.37 4.16
CA LYS A 282 -13.20 11.54 4.82
C LYS A 282 -13.90 10.23 4.95
N ASP A 283 -13.75 9.38 3.93
CA ASP A 283 -14.40 8.09 3.89
C ASP A 283 -13.68 7.01 4.68
N GLY A 284 -12.51 7.30 5.25
CA GLY A 284 -11.86 6.32 6.07
C GLY A 284 -11.00 5.31 5.32
N TYR A 285 -10.72 5.58 4.05
CA TYR A 285 -9.91 4.70 3.22
C TYR A 285 -8.43 5.08 3.24
N ALA A 286 -8.12 6.24 3.78
CA ALA A 286 -6.78 6.82 3.67
C ALA A 286 -6.48 7.72 4.81
N LEU A 287 -5.19 7.91 5.05
CA LEU A 287 -4.70 8.86 6.03
C LEU A 287 -3.51 9.66 5.50
N ILE A 288 -3.31 10.87 6.01
CA ILE A 288 -2.13 11.62 5.68
C ILE A 288 -0.97 10.99 6.52
N TYR A 289 0.17 10.77 5.87
CA TYR A 289 1.33 10.20 6.53
C TYR A 289 2.58 10.92 6.06
N LEU A 290 3.44 11.31 7.00
CA LEU A 290 4.71 11.98 6.71
C LEU A 290 5.86 11.06 7.07
N GLU A 291 6.91 11.10 6.23
CA GLU A 291 8.21 10.55 6.63
C GLU A 291 9.40 11.19 5.91
P PO4 B . 5.93 4.34 -9.09
O1 PO4 B . 6.11 3.43 -7.90
O2 PO4 B . 6.37 3.64 -10.40
O3 PO4 B . 4.53 4.84 -9.36
O4 PO4 B . 6.69 5.62 -8.79
P PO4 C . -4.63 4.25 30.37
O1 PO4 C . -4.05 2.86 30.10
O2 PO4 C . -5.87 4.44 29.48
O3 PO4 C . -5.01 4.35 31.86
O4 PO4 C . -3.61 5.35 30.11
C SO8 D . 2.70 3.70 -5.91
N SO8 D . 2.34 1.67 -7.16
O SO8 D . 1.87 3.82 -5.04
N1 SO8 D . 9.17 0.49 -2.04
C2 SO8 D . 9.16 0.84 -3.45
N3 SO8 D . 8.19 1.82 -3.85
C4 SO8 D . 7.31 2.38 -2.97
C5 SO8 D . 7.32 2.00 -1.54
C6 SO8 D . 8.34 1.01 -1.12
N6 SO8 D . 8.42 0.63 0.16
N7 SO8 D . 6.37 2.72 -0.92
C8 SO8 D . 5.78 3.49 -1.87
N9 SO8 D . 6.33 3.26 -3.10
CA SO8 D . 2.35 3.13 -7.26
CB SO8 D . 1.04 3.53 -7.95
NAI SO8 D . 3.98 4.08 -5.74
CAJ SO8 D . 4.54 4.51 -4.46
CAK SO8 D . 4.80 6.01 -4.41
OAL SO8 D . 3.81 6.81 -5.03
CAM SO8 D . 6.16 6.07 -5.11
CAN SO8 D . 6.87 7.39 -4.92
OAO SO8 D . 7.00 7.66 -3.54
OAP SO8 D . 6.90 4.96 -4.57
CAQ SO8 D . 5.98 3.90 -4.39
CD1 SO8 D . 0.35 5.09 -9.82
CG1 SO8 D . 1.16 4.94 -8.56
CG2 SO8 D . -0.19 3.34 -7.08
#